data_1Y6A
#
_entry.id   1Y6A
#
_cell.length_a   37.732
_cell.length_b   94.570
_cell.length_c   96.473
_cell.angle_alpha   90.00
_cell.angle_beta   90.00
_cell.angle_gamma   90.00
#
_symmetry.space_group_name_H-M   'P 21 21 21'
#
loop_
_entity.id
_entity.type
_entity.pdbx_description
1 polymer 'Vascular endothelial growth factor receptor 2'
2 non-polymer N-[5-(ETHYLSULFONYL)-2-METHOXYPHENYL]-5-[3-(2-PYRIDINYL)PHENYL]-1,3-OXAZOL-2-AMINE
3 water water
#
_entity_poly.entity_id   1
_entity_poly.type   'polypeptide(L)'
_entity_poly.pdbx_seq_one_letter_code
;MDPDELPLDEHCERLPYDASKWEFPRDRLKLGKPLGRGAFGQVIEADAFGIDKTATCRTVAVKMLKEGATHSEHRALMSE
LKILIHIGHHLNVVNLLGACTKPGGPLMVIVEFCKFGNLSTYLRSKRNEFVPYKTKGARFRQGKDYVGAIPVDLKRRLDS
ITSSQSSASSGFVEEKSLSDVEEEEAPEDLYKDFLTLEHLICYSFQVAKGMEFLASRKCIHRDLAARNILLSEKNVVKIC
DFGLARDIYKDPDYVRKGDARLPLKWMAPETIFDRVYTIQSDVWSFGVLLWEIFSLGASPYPGVKIDEEFCRRLKEGTRM
RAPDYTTPEMYQTMLDCWHGEPSQRPTFSELVEHLGNLLQANAQQD
;
_entity_poly.pdbx_strand_id   A
#
# COMPACT_ATOMS: atom_id res chain seq x y z
N LEU A 15 -0.04 -4.04 -24.66
CA LEU A 15 1.09 -4.79 -24.06
C LEU A 15 0.59 -6.22 -24.21
N PRO A 16 1.47 -7.23 -24.18
CA PRO A 16 1.04 -8.61 -24.47
C PRO A 16 0.25 -9.16 -23.31
N TYR A 17 -0.61 -10.14 -23.59
CA TYR A 17 -1.21 -10.94 -22.54
C TYR A 17 -1.00 -12.44 -22.81
N ASP A 18 -0.19 -13.06 -21.95
CA ASP A 18 0.11 -14.48 -22.07
C ASP A 18 -0.96 -15.30 -21.37
N ALA A 19 -1.97 -15.72 -22.11
CA ALA A 19 -3.09 -16.45 -21.51
C ALA A 19 -2.64 -17.77 -20.86
N SER A 20 -1.60 -18.40 -21.40
CA SER A 20 -1.10 -19.64 -20.86
C SER A 20 -0.68 -19.42 -19.42
N LYS A 21 0.02 -18.32 -19.20
CA LYS A 21 0.50 -18.00 -17.89
C LYS A 21 -0.59 -17.53 -16.91
N TRP A 22 -1.52 -16.69 -17.36
CA TRP A 22 -2.42 -15.97 -16.44
C TRP A 22 -3.89 -16.36 -16.45
N GLU A 23 -4.36 -16.97 -17.54
CA GLU A 23 -5.80 -17.19 -17.71
C GLU A 23 -6.30 -18.29 -16.77
N PHE A 24 -7.39 -17.99 -16.09
CA PHE A 24 -7.94 -18.86 -15.08
C PHE A 24 -9.38 -19.14 -15.48
N PRO A 25 -9.84 -20.40 -15.39
CA PRO A 25 -11.23 -20.70 -15.77
C PRO A 25 -12.30 -20.06 -14.88
N ARG A 26 -13.27 -19.42 -15.51
CA ARG A 26 -14.37 -18.80 -14.77
C ARG A 26 -15.17 -19.82 -13.96
N ASP A 27 -15.23 -21.06 -14.45
CA ASP A 27 -15.95 -22.10 -13.71
C ASP A 27 -15.21 -22.67 -12.48
N ARG A 28 -14.02 -22.18 -12.18
CA ARG A 28 -13.32 -22.51 -10.93
C ARG A 28 -13.25 -21.32 -9.96
N LEU A 29 -14.11 -20.32 -10.22
CA LEU A 29 -14.28 -19.19 -9.34
C LEU A 29 -15.68 -19.16 -8.83
N LYS A 30 -15.82 -19.15 -7.52
CA LYS A 30 -17.13 -19.06 -6.87
C LYS A 30 -17.16 -17.70 -6.17
N LEU A 31 -17.97 -16.79 -6.69
CA LEU A 31 -18.04 -15.43 -6.16
C LEU A 31 -18.67 -15.48 -4.76
N GLY A 32 -18.23 -14.54 -3.92
CA GLY A 32 -18.71 -14.41 -2.54
C GLY A 32 -19.08 -12.98 -2.27
N LYS A 33 -18.78 -12.51 -1.06
CA LYS A 33 -19.22 -11.18 -0.61
C LYS A 33 -18.43 -10.07 -1.30
N PRO A 34 -19.11 -8.95 -1.62
CA PRO A 34 -18.37 -7.81 -2.16
C PRO A 34 -17.42 -7.19 -1.15
N LEU A 35 -16.29 -6.72 -1.62
CA LEU A 35 -15.33 -6.00 -0.79
C LEU A 35 -15.46 -4.49 -1.04
N GLY A 36 -15.88 -4.09 -2.26
CA GLY A 36 -16.14 -2.69 -2.56
C GLY A 36 -16.42 -2.33 -4.03
N ARG A 37 -16.34 -1.02 -4.30
CA ARG A 37 -16.56 -0.42 -5.62
C ARG A 37 -15.24 0.05 -6.25
N GLN A 42 -16.47 -3.33 -9.59
CA GLN A 42 -16.78 -4.11 -8.38
C GLN A 42 -15.68 -5.13 -7.93
N VAL A 43 -15.29 -5.06 -6.66
CA VAL A 43 -14.34 -6.00 -6.06
C VAL A 43 -15.05 -6.96 -5.11
N ILE A 44 -14.89 -8.25 -5.33
CA ILE A 44 -15.56 -9.29 -4.56
C ILE A 44 -14.57 -10.32 -4.03
N GLU A 45 -14.89 -10.87 -2.86
CA GLU A 45 -14.30 -12.14 -2.43
C GLU A 45 -14.82 -13.26 -3.30
N ALA A 46 -13.94 -14.22 -3.58
CA ALA A 46 -14.28 -15.43 -4.30
C ALA A 46 -13.42 -16.57 -3.78
N ASP A 47 -13.88 -17.81 -4.01
CA ASP A 47 -13.12 -19.02 -3.73
C ASP A 47 -12.66 -19.54 -5.08
N ALA A 48 -11.35 -19.68 -5.25
CA ALA A 48 -10.75 -20.14 -6.49
C ALA A 48 -10.14 -21.52 -6.26
N PHE A 49 -10.47 -22.49 -7.12
CA PHE A 49 -9.88 -23.80 -6.96
C PHE A 49 -8.66 -23.92 -7.90
N GLY A 50 -7.50 -24.21 -7.33
CA GLY A 50 -6.34 -24.51 -8.12
C GLY A 50 -5.66 -23.30 -8.71
N ILE A 51 -5.85 -22.10 -8.14
CA ILE A 51 -5.27 -20.92 -8.75
C ILE A 51 -3.76 -20.86 -8.61
N ASP A 52 -3.19 -21.60 -7.67
CA ASP A 52 -1.74 -21.71 -7.56
C ASP A 52 -1.24 -23.08 -8.00
N LYS A 53 -2.04 -23.76 -8.80
CA LYS A 53 -1.72 -25.07 -9.39
C LYS A 53 -1.75 -26.28 -8.42
N THR A 54 -1.99 -26.03 -7.13
CA THR A 54 -2.18 -27.12 -6.15
C THR A 54 -3.67 -27.42 -6.08
N ALA A 55 -4.06 -28.56 -5.49
CA ALA A 55 -5.45 -28.99 -5.45
C ALA A 55 -6.16 -28.31 -4.25
N THR A 56 -6.00 -27.01 -4.12
CA THR A 56 -6.55 -26.29 -3.00
C THR A 56 -7.60 -25.23 -3.44
N CYS A 57 -8.58 -25.06 -2.57
CA CYS A 57 -9.47 -23.91 -2.57
C CYS A 57 -8.87 -22.70 -1.83
N ARG A 58 -8.70 -21.59 -2.51
CA ARG A 58 -8.20 -20.37 -1.88
C ARG A 58 -9.13 -19.16 -2.08
N THR A 59 -9.32 -18.40 -1.02
CA THR A 59 -10.03 -17.14 -1.10
C THR A 59 -9.14 -16.14 -1.81
N VAL A 60 -9.73 -15.47 -2.79
CA VAL A 60 -9.03 -14.48 -3.58
C VAL A 60 -9.93 -13.23 -3.64
N ALA A 61 -9.36 -12.14 -4.15
CA ALA A 61 -10.08 -10.92 -4.47
C ALA A 61 -10.20 -10.72 -6.00
N VAL A 62 -11.41 -10.49 -6.46
CA VAL A 62 -11.70 -10.34 -7.88
C VAL A 62 -12.21 -8.91 -8.17
N LYS A 63 -11.53 -8.21 -9.08
CA LYS A 63 -12.04 -6.99 -9.69
C LYS A 63 -12.72 -7.33 -11.03
N MET A 64 -13.96 -6.90 -11.18
CA MET A 64 -14.69 -7.22 -12.40
C MET A 64 -15.43 -6.03 -13.05
N LEU A 65 -15.75 -6.14 -14.34
CA LEU A 65 -16.70 -5.20 -15.00
C LEU A 65 -18.00 -5.93 -15.33
N THR A 70 -18.28 0.26 -20.46
CA THR A 70 -17.85 1.08 -21.61
C THR A 70 -16.48 0.63 -22.05
N HIS A 71 -16.11 0.98 -23.27
CA HIS A 71 -14.76 0.70 -23.77
C HIS A 71 -13.73 1.27 -22.82
N SER A 72 -13.98 2.52 -22.41
CA SER A 72 -13.13 3.25 -21.48
C SER A 72 -12.84 2.42 -20.22
N GLU A 73 -13.88 1.84 -19.66
CA GLU A 73 -13.75 1.06 -18.44
C GLU A 73 -13.10 -0.30 -18.69
N HIS A 74 -13.43 -0.96 -19.80
CA HIS A 74 -12.76 -2.22 -20.19
C HIS A 74 -11.26 -2.00 -20.34
N ARG A 75 -10.93 -0.90 -21.00
CA ARG A 75 -9.56 -0.42 -21.19
C ARG A 75 -8.81 -0.17 -19.86
N ALA A 76 -9.46 0.47 -18.91
CA ALA A 76 -8.88 0.79 -17.62
C ALA A 76 -8.57 -0.49 -16.85
N LEU A 77 -9.50 -1.44 -16.86
CA LEU A 77 -9.27 -2.71 -16.17
C LEU A 77 -8.18 -3.57 -16.86
N MET A 78 -8.18 -3.64 -18.19
CA MET A 78 -7.12 -4.35 -18.92
C MET A 78 -5.74 -3.74 -18.64
N SER A 79 -5.70 -2.40 -18.64
CA SER A 79 -4.48 -1.66 -18.34
C SER A 79 -3.95 -2.07 -16.98
N GLU A 80 -4.80 -2.00 -15.98
CA GLU A 80 -4.44 -2.47 -14.65
C GLU A 80 -3.86 -3.92 -14.66
N LEU A 81 -4.52 -4.82 -15.36
CA LEU A 81 -4.02 -6.19 -15.51
C LEU A 81 -2.62 -6.23 -16.13
N LYS A 82 -2.43 -5.51 -17.24
CA LYS A 82 -1.16 -5.53 -17.92
C LYS A 82 -0.06 -4.88 -17.07
N ILE A 83 -0.40 -3.86 -16.29
CA ILE A 83 0.59 -3.25 -15.41
C ILE A 83 0.99 -4.20 -14.27
N LEU A 84 0.03 -4.90 -13.69
CA LEU A 84 0.34 -5.86 -12.63
C LEU A 84 1.26 -6.95 -13.16
N ILE A 85 1.03 -7.35 -14.40
CA ILE A 85 1.89 -8.33 -15.05
C ILE A 85 3.28 -7.73 -15.24
N HIS A 86 3.34 -6.49 -15.72
CA HIS A 86 4.62 -5.87 -15.98
C HIS A 86 5.43 -5.77 -14.69
N ILE A 87 4.78 -5.40 -13.62
CA ILE A 87 5.45 -5.13 -12.37
C ILE A 87 6.02 -6.42 -11.80
N GLY A 88 5.24 -7.49 -11.81
CA GLY A 88 5.69 -8.81 -11.32
C GLY A 88 5.54 -8.94 -9.81
N HIS A 89 6.13 -9.99 -9.24
CA HIS A 89 5.77 -10.48 -7.91
C HIS A 89 6.68 -9.92 -6.80
N HIS A 90 6.08 -9.52 -5.68
CA HIS A 90 6.84 -9.26 -4.45
C HIS A 90 5.90 -9.57 -3.30
N LEU A 91 6.43 -10.10 -2.19
CA LEU A 91 5.64 -10.40 -0.99
C LEU A 91 4.82 -9.22 -0.45
N ASN A 92 5.34 -8.00 -0.58
CA ASN A 92 4.75 -6.81 0.05
C ASN A 92 3.96 -5.94 -0.92
N VAL A 93 3.47 -6.54 -2.00
CA VAL A 93 2.42 -5.96 -2.82
C VAL A 93 1.28 -6.94 -2.96
N VAL A 94 0.12 -6.40 -3.31
CA VAL A 94 -1.04 -7.26 -3.58
C VAL A 94 -0.85 -7.86 -4.98
N ASN A 95 -0.45 -9.13 -5.03
CA ASN A 95 -0.05 -9.76 -6.28
C ASN A 95 -1.19 -10.21 -7.20
N LEU A 96 -0.91 -10.18 -8.49
CA LEU A 96 -1.80 -10.74 -9.48
C LEU A 96 -1.74 -12.26 -9.36
N LEU A 97 -2.90 -12.90 -9.36
CA LEU A 97 -2.95 -14.35 -9.36
C LEU A 97 -3.43 -14.91 -10.68
N GLY A 98 -4.26 -14.16 -11.38
CA GLY A 98 -4.82 -14.66 -12.62
C GLY A 98 -5.83 -13.72 -13.20
N ALA A 99 -6.40 -14.11 -14.33
CA ALA A 99 -7.41 -13.28 -14.99
C ALA A 99 -8.35 -14.10 -15.84
N CYS A 100 -9.55 -13.56 -16.04
CA CYS A 100 -10.57 -14.18 -16.90
C CYS A 100 -10.86 -13.13 -17.94
N THR A 101 -10.28 -13.33 -19.12
CA THR A 101 -10.33 -12.39 -20.23
C THR A 101 -10.99 -12.98 -21.49
N LYS A 102 -11.07 -14.29 -21.59
CA LYS A 102 -11.69 -14.97 -22.73
C LYS A 102 -13.13 -14.53 -22.93
N PRO A 103 -13.58 -14.42 -24.19
CA PRO A 103 -15.00 -14.11 -24.41
C PRO A 103 -15.92 -15.16 -23.79
N GLY A 104 -17.16 -14.76 -23.51
CA GLY A 104 -18.12 -15.67 -22.89
C GLY A 104 -18.35 -15.43 -21.41
N GLY A 105 -17.78 -14.36 -20.87
CA GLY A 105 -18.03 -13.99 -19.47
C GLY A 105 -17.43 -12.62 -19.12
N PRO A 106 -17.66 -12.15 -17.88
CA PRO A 106 -17.08 -10.84 -17.53
C PRO A 106 -15.55 -10.84 -17.44
N LEU A 107 -14.95 -9.70 -17.73
CA LEU A 107 -13.53 -9.47 -17.48
C LEU A 107 -13.31 -9.43 -15.98
N MET A 108 -12.37 -10.24 -15.51
CA MET A 108 -12.10 -10.35 -14.11
C MET A 108 -10.60 -10.41 -13.90
N VAL A 109 -10.14 -9.67 -12.88
CA VAL A 109 -8.74 -9.61 -12.52
C VAL A 109 -8.64 -10.14 -11.10
N ILE A 110 -7.87 -11.21 -10.89
CA ILE A 110 -7.85 -11.93 -9.63
C ILE A 110 -6.54 -11.67 -8.91
N VAL A 111 -6.62 -11.21 -7.66
CA VAL A 111 -5.45 -10.85 -6.86
C VAL A 111 -5.57 -11.46 -5.48
N GLU A 112 -4.47 -11.40 -4.73
CA GLU A 112 -4.41 -11.88 -3.39
C GLU A 112 -5.42 -11.24 -2.47
N PHE A 113 -6.03 -12.06 -1.61
CA PHE A 113 -7.02 -11.62 -0.61
C PHE A 113 -6.27 -11.43 0.73
N CYS A 114 -6.54 -10.31 1.39
CA CYS A 114 -5.87 -9.87 2.60
C CYS A 114 -6.98 -9.75 3.62
N LYS A 115 -7.03 -10.79 4.44
CA LYS A 115 -8.10 -11.11 5.35
C LYS A 115 -8.45 -10.01 6.36
N PHE A 116 -7.44 -9.26 6.83
CA PHE A 116 -7.65 -8.23 7.86
C PHE A 116 -7.98 -6.84 7.35
N GLY A 117 -8.09 -6.67 6.03
CA GLY A 117 -8.42 -5.39 5.40
C GLY A 117 -7.30 -4.36 5.48
N ASN A 118 -7.66 -3.08 5.43
CA ASN A 118 -6.70 -2.01 5.34
C ASN A 118 -6.03 -1.69 6.68
N LEU A 119 -4.79 -1.26 6.61
CA LEU A 119 -3.95 -1.09 7.80
C LEU A 119 -4.43 0.01 8.78
N SER A 120 -4.99 1.08 8.22
CA SER A 120 -5.50 2.20 8.99
C SER A 120 -6.64 1.78 9.89
N THR A 121 -7.66 1.14 9.31
CA THR A 121 -8.83 0.68 10.04
C THR A 121 -8.40 -0.39 11.06
N TYR A 122 -7.46 -1.24 10.65
CA TYR A 122 -6.99 -2.28 11.55
C TYR A 122 -6.26 -1.69 12.75
N LEU A 123 -5.27 -0.82 12.52
CA LEU A 123 -4.55 -0.22 13.66
C LEU A 123 -5.50 0.51 14.61
N ARG A 124 -6.48 1.22 14.08
CA ARG A 124 -7.50 1.86 14.95
C ARG A 124 -8.20 0.87 15.88
N SER A 125 -8.53 -0.30 15.37
CA SER A 125 -9.16 -1.37 16.14
C SER A 125 -8.26 -1.97 17.23
N LYS A 126 -6.96 -1.70 17.20
CA LYS A 126 -6.05 -2.25 18.18
C LYS A 126 -5.55 -1.21 19.19
N ARG A 127 -6.17 -0.03 19.18
CA ARG A 127 -5.78 1.06 20.09
C ARG A 127 -5.73 0.64 21.56
N ASN A 128 -6.62 -0.26 21.97
CA ASN A 128 -6.65 -0.77 23.35
C ASN A 128 -5.95 -2.11 23.49
N GLU A 129 -5.49 -2.65 22.35
CA GLU A 129 -4.70 -3.87 22.33
C GLU A 129 -3.28 -3.60 21.81
N PHE A 130 -2.65 -2.56 22.36
CA PHE A 130 -1.26 -2.21 22.03
C PHE A 130 -0.45 -2.01 23.31
N VAL A 131 0.69 -2.68 23.38
CA VAL A 131 1.71 -2.39 24.39
C VAL A 131 3.07 -2.29 23.68
N PRO A 132 3.91 -1.30 24.07
CA PRO A 132 5.24 -1.12 23.43
C PRO A 132 6.13 -2.38 23.39
N TYR A 133 6.28 -3.04 24.53
CA TYR A 133 7.03 -4.32 24.63
C TYR A 133 6.20 -5.39 25.32
N ASP A 193 -2.68 -11.35 21.87
CA ASP A 193 -2.75 -10.87 20.49
C ASP A 193 -2.51 -9.36 20.41
N PHE A 194 -1.64 -8.84 21.27
CA PHE A 194 -1.37 -7.40 21.29
C PHE A 194 -0.40 -6.98 20.20
N LEU A 195 -0.59 -5.77 19.68
CA LEU A 195 0.44 -5.14 18.85
C LEU A 195 1.52 -4.60 19.78
N THR A 196 2.74 -4.54 19.25
CA THR A 196 3.89 -4.01 19.97
C THR A 196 4.71 -3.18 18.97
N LEU A 197 5.78 -2.57 19.47
CA LEU A 197 6.67 -1.80 18.62
C LEU A 197 7.25 -2.66 17.51
N GLU A 198 7.54 -3.90 17.83
CA GLU A 198 8.00 -4.88 16.86
C GLU A 198 7.06 -4.95 15.67
N HIS A 199 5.75 -5.00 15.93
CA HIS A 199 4.72 -5.09 14.89
C HIS A 199 4.76 -3.82 14.03
N LEU A 200 4.75 -2.66 14.68
CA LEU A 200 4.69 -1.40 13.93
C LEU A 200 5.93 -1.13 13.07
N ILE A 201 7.10 -1.44 13.63
CA ILE A 201 8.35 -1.29 12.90
C ILE A 201 8.39 -2.33 11.77
N CYS A 202 7.93 -3.55 12.05
CA CYS A 202 7.80 -4.59 11.03
C CYS A 202 6.94 -4.16 9.84
N TYR A 203 5.75 -3.63 10.10
CA TYR A 203 4.86 -3.17 9.03
C TYR A 203 5.57 -2.07 8.22
N SER A 204 6.30 -1.19 8.93
CA SER A 204 6.98 -0.04 8.32
C SER A 204 8.08 -0.52 7.38
N PHE A 205 8.87 -1.46 7.87
CA PHE A 205 9.91 -2.12 7.11
C PHE A 205 9.38 -2.84 5.81
N GLN A 206 8.31 -3.61 5.97
CA GLN A 206 7.66 -4.29 4.85
C GLN A 206 7.15 -3.32 3.78
N VAL A 207 6.52 -2.23 4.17
CA VAL A 207 6.06 -1.25 3.19
C VAL A 207 7.25 -0.65 2.43
N ALA A 208 8.33 -0.34 3.14
CA ALA A 208 9.56 0.17 2.53
C ALA A 208 10.15 -0.82 1.52
N LYS A 209 10.17 -2.10 1.86
CA LYS A 209 10.61 -3.13 0.92
C LYS A 209 9.71 -3.19 -0.29
N GLY A 210 8.41 -3.11 -0.06
CA GLY A 210 7.41 -3.06 -1.16
C GLY A 210 7.65 -1.88 -2.08
N MET A 211 7.92 -0.71 -1.50
CA MET A 211 8.20 0.48 -2.27
C MET A 211 9.56 0.41 -2.97
N GLU A 212 10.59 -0.09 -2.28
CA GLU A 212 11.87 -0.31 -2.95
C GLU A 212 11.64 -1.16 -4.21
N PHE A 213 10.86 -2.22 -4.09
CA PHE A 213 10.51 -3.06 -5.23
C PHE A 213 9.83 -2.25 -6.36
N LEU A 214 8.79 -1.50 -6.01
CA LEU A 214 8.05 -0.74 -6.99
C LEU A 214 8.96 0.26 -7.71
N ALA A 215 9.83 0.94 -6.95
CA ALA A 215 10.82 1.86 -7.51
C ALA A 215 11.75 1.16 -8.49
N SER A 216 12.17 -0.07 -8.20
CA SER A 216 13.06 -0.79 -9.09
C SER A 216 12.39 -1.23 -10.40
N ARG A 217 11.06 -1.35 -10.37
CA ARG A 217 10.27 -1.57 -11.58
C ARG A 217 9.92 -0.25 -12.21
N LYS A 218 10.49 0.83 -11.67
CA LYS A 218 10.27 2.20 -12.13
C LYS A 218 8.80 2.62 -12.04
N CYS A 219 8.16 2.27 -10.94
CA CYS A 219 6.80 2.72 -10.69
C CYS A 219 6.85 3.87 -9.68
N ILE A 220 5.76 4.61 -9.61
CA ILE A 220 5.54 5.65 -8.62
C ILE A 220 4.14 5.32 -8.14
N HIS A 221 3.92 5.34 -6.84
CA HIS A 221 2.62 4.98 -6.31
C HIS A 221 1.64 6.14 -6.34
N ARG A 222 2.02 7.28 -5.78
CA ARG A 222 1.20 8.51 -5.79
C ARG A 222 0.11 8.59 -4.73
N ASP A 223 -0.26 7.48 -4.10
CA ASP A 223 -1.31 7.51 -3.10
C ASP A 223 -0.93 6.60 -1.95
N LEU A 224 0.29 6.79 -1.47
CA LEU A 224 0.86 5.90 -0.48
C LEU A 224 0.36 6.30 0.89
N ALA A 225 -0.61 5.55 1.41
CA ALA A 225 -1.35 5.89 2.63
C ALA A 225 -1.74 4.58 3.32
N ALA A 226 -1.93 4.63 4.63
CA ALA A 226 -2.19 3.38 5.36
C ALA A 226 -3.49 2.66 4.88
N ARG A 227 -4.47 3.43 4.41
CA ARG A 227 -5.70 2.86 3.80
C ARG A 227 -5.42 2.04 2.53
N ASN A 228 -4.25 2.25 1.91
CA ASN A 228 -3.87 1.52 0.69
C ASN A 228 -2.85 0.43 0.95
N ILE A 229 -2.68 0.08 2.23
CA ILE A 229 -1.88 -1.06 2.65
C ILE A 229 -2.87 -2.04 3.23
N LEU A 230 -2.79 -3.31 2.85
CA LEU A 230 -3.69 -4.31 3.41
C LEU A 230 -2.89 -5.26 4.26
N LEU A 231 -3.57 -5.90 5.20
CA LEU A 231 -2.96 -6.80 6.13
C LEU A 231 -3.47 -8.20 5.87
N SER A 232 -2.53 -9.09 5.65
CA SER A 232 -2.82 -10.47 5.32
C SER A 232 -2.48 -11.29 6.56
N GLU A 233 -2.37 -12.60 6.38
CA GLU A 233 -2.05 -13.49 7.50
C GLU A 233 -0.57 -13.38 7.84
N LYS A 234 -0.23 -13.77 9.08
CA LYS A 234 1.15 -13.79 9.57
C LYS A 234 1.83 -12.41 9.53
N ASN A 235 1.04 -11.37 9.79
CA ASN A 235 1.51 -9.98 9.82
C ASN A 235 2.20 -9.52 8.54
N VAL A 236 1.79 -10.10 7.41
CA VAL A 236 2.29 -9.66 6.11
C VAL A 236 1.43 -8.50 5.62
N VAL A 237 2.06 -7.37 5.36
CA VAL A 237 1.36 -6.22 4.80
C VAL A 237 1.71 -6.04 3.32
N LYS A 238 0.71 -5.59 2.56
CA LYS A 238 0.85 -5.55 1.10
C LYS A 238 0.31 -4.23 0.60
N ILE A 239 1.07 -3.59 -0.27
CA ILE A 239 0.69 -2.32 -0.88
C ILE A 239 -0.31 -2.61 -1.98
N CYS A 240 -1.42 -1.88 -1.98
CA CYS A 240 -2.32 -1.85 -3.15
C CYS A 240 -1.70 -1.05 -4.31
N ASP A 241 -1.42 -1.72 -5.45
CA ASP A 241 -0.90 -1.03 -6.67
C ASP A 241 -2.01 -0.88 -7.68
N PHE A 242 -2.95 0.02 -7.42
CA PHE A 242 -4.06 0.26 -8.36
C PHE A 242 -5.03 1.37 -7.88
N PRO A 263 -6.13 13.47 1.01
CA PRO A 263 -4.99 12.98 0.19
C PRO A 263 -3.99 14.08 -0.11
N LEU A 264 -4.43 15.32 -0.02
CA LEU A 264 -3.48 16.42 0.02
C LEU A 264 -2.60 16.32 1.29
N LYS A 265 -3.16 15.68 2.32
CA LYS A 265 -2.44 15.42 3.57
C LYS A 265 -1.22 14.47 3.40
N TRP A 266 -1.14 13.74 2.29
CA TRP A 266 -0.02 12.83 2.01
C TRP A 266 0.90 13.38 0.93
N MET A 267 0.59 14.56 0.40
CA MET A 267 1.29 15.02 -0.78
C MET A 267 2.50 15.84 -0.43
N ALA A 268 3.61 15.53 -1.10
CA ALA A 268 4.85 16.31 -0.98
C ALA A 268 4.60 17.75 -1.44
N PRO A 269 5.31 18.73 -0.84
CA PRO A 269 5.11 20.15 -1.24
C PRO A 269 5.28 20.42 -2.75
N GLU A 270 6.29 19.82 -3.38
CA GLU A 270 6.48 19.96 -4.81
C GLU A 270 5.36 19.36 -5.65
N THR A 271 4.61 18.41 -5.09
CA THR A 271 3.49 17.77 -5.77
C THR A 271 2.26 18.67 -5.77
N ILE A 272 1.96 19.24 -4.60
CA ILE A 272 0.95 20.28 -4.51
C ILE A 272 1.30 21.47 -5.43
N PHE A 273 2.48 22.07 -5.23
CA PHE A 273 2.85 23.32 -5.91
C PHE A 273 3.35 23.18 -7.36
N ASP A 274 3.79 22.00 -7.79
CA ASP A 274 4.28 21.80 -9.17
C ASP A 274 3.63 20.62 -9.89
N ARG A 275 2.63 20.00 -9.27
CA ARG A 275 2.00 18.79 -9.79
C ARG A 275 2.95 17.58 -9.98
N VAL A 276 4.14 17.68 -9.37
CA VAL A 276 5.22 16.70 -9.47
C VAL A 276 4.94 15.44 -8.63
N TYR A 277 4.81 14.29 -9.28
CA TYR A 277 4.89 12.98 -8.61
C TYR A 277 6.17 12.30 -9.04
N THR A 278 7.06 12.04 -8.09
CA THR A 278 8.29 11.27 -8.30
C THR A 278 8.38 10.21 -7.20
N ILE A 279 9.40 9.36 -7.26
CA ILE A 279 9.60 8.37 -6.20
C ILE A 279 9.96 9.06 -4.87
N GLN A 280 10.62 10.21 -4.95
CA GLN A 280 10.97 10.97 -3.75
C GLN A 280 9.75 11.62 -3.15
N SER A 281 8.73 11.94 -3.94
CA SER A 281 7.46 12.39 -3.36
C SER A 281 6.70 11.26 -2.66
N ASP A 282 6.86 10.02 -3.16
CA ASP A 282 6.36 8.84 -2.45
C ASP A 282 7.08 8.66 -1.11
N VAL A 283 8.39 8.96 -1.07
CA VAL A 283 9.11 8.93 0.23
C VAL A 283 8.46 9.90 1.22
N TRP A 284 8.15 11.11 0.78
CA TRP A 284 7.36 12.03 1.63
C TRP A 284 6.07 11.36 2.17
N SER A 285 5.26 10.83 1.25
CA SER A 285 4.04 10.13 1.62
C SER A 285 4.31 8.99 2.59
N PHE A 286 5.38 8.22 2.33
CA PHE A 286 5.79 7.16 3.24
C PHE A 286 5.98 7.69 4.68
N GLY A 287 6.57 8.89 4.84
CA GLY A 287 6.71 9.53 6.16
C GLY A 287 5.37 9.78 6.81
N VAL A 288 4.40 10.23 6.03
CA VAL A 288 3.03 10.38 6.52
C VAL A 288 2.41 9.04 6.90
N LEU A 289 2.70 8.01 6.12
CA LEU A 289 2.26 6.67 6.42
C LEU A 289 2.87 6.17 7.73
N LEU A 290 4.16 6.43 7.95
CA LEU A 290 4.80 6.12 9.22
C LEU A 290 4.05 6.79 10.39
N TRP A 291 3.70 8.05 10.21
CA TRP A 291 3.01 8.79 11.25
C TRP A 291 1.70 8.05 11.54
N GLU A 292 1.00 7.65 10.47
CA GLU A 292 -0.27 6.91 10.57
C GLU A 292 -0.10 5.63 11.34
N ILE A 293 0.98 4.89 11.07
CA ILE A 293 1.25 3.65 11.82
C ILE A 293 1.45 3.93 13.31
N PHE A 294 2.32 4.89 13.63
CA PHE A 294 2.71 5.14 15.00
C PHE A 294 1.75 6.06 15.74
N SER A 295 0.65 6.43 15.09
CA SER A 295 -0.52 6.99 15.74
C SER A 295 -1.64 5.93 15.87
N LEU A 296 -1.34 4.69 15.50
CA LEU A 296 -2.33 3.63 15.39
C LEU A 296 -3.58 4.08 14.63
N GLY A 297 -3.39 4.54 13.40
CA GLY A 297 -4.50 4.77 12.49
C GLY A 297 -5.19 6.12 12.62
N ALA A 298 -4.53 7.14 13.19
CA ALA A 298 -5.09 8.48 13.20
C ALA A 298 -4.99 9.15 11.82
N SER A 299 -5.81 10.20 11.64
CA SER A 299 -5.71 11.10 10.49
C SER A 299 -4.55 12.06 10.72
N PRO A 300 -3.73 12.27 9.68
CA PRO A 300 -2.62 13.21 9.80
C PRO A 300 -3.10 14.66 10.01
N TYR A 301 -2.24 15.52 10.54
CA TYR A 301 -2.56 16.94 10.75
C TYR A 301 -3.91 17.11 11.47
N PRO A 302 -4.06 16.48 12.66
CA PRO A 302 -5.32 16.52 13.43
C PRO A 302 -5.79 17.94 13.70
N GLY A 303 -7.05 18.22 13.35
CA GLY A 303 -7.70 19.51 13.60
C GLY A 303 -7.25 20.64 12.70
N VAL A 304 -6.32 20.36 11.80
CA VAL A 304 -5.72 21.38 10.96
C VAL A 304 -6.51 21.45 9.67
N LYS A 305 -6.99 22.65 9.36
CA LYS A 305 -7.69 22.88 8.12
C LYS A 305 -6.67 22.96 6.99
N ILE A 306 -6.94 22.19 5.94
CA ILE A 306 -6.04 22.05 4.82
C ILE A 306 -6.46 23.10 3.79
N ASP A 307 -5.77 24.24 3.84
CA ASP A 307 -6.06 25.36 2.96
C ASP A 307 -4.75 25.95 2.44
N GLU A 308 -4.81 27.14 1.86
CA GLU A 308 -3.62 27.84 1.36
C GLU A 308 -2.60 28.07 2.46
N GLU A 309 -3.06 28.24 3.70
CA GLU A 309 -2.18 28.47 4.87
C GLU A 309 -1.44 27.20 5.30
N PHE A 310 -2.14 26.07 5.28
CA PHE A 310 -1.52 24.77 5.49
C PHE A 310 -0.38 24.60 4.48
N CYS A 311 -0.66 24.82 3.20
CA CYS A 311 0.34 24.65 2.17
C CYS A 311 1.51 25.59 2.35
N ARG A 312 1.23 26.81 2.80
CA ARG A 312 2.27 27.81 3.04
C ARG A 312 3.22 27.32 4.13
N ARG A 313 2.64 26.93 5.27
CA ARG A 313 3.42 26.47 6.41
C ARG A 313 4.26 25.23 6.09
N LEU A 314 3.71 24.38 5.21
CA LEU A 314 4.36 23.15 4.80
C LEU A 314 5.58 23.50 3.95
N LYS A 315 5.44 24.40 2.98
CA LYS A 315 6.60 24.84 2.19
C LYS A 315 7.65 25.51 3.07
N GLU A 316 7.18 26.17 4.12
CA GLU A 316 8.00 26.93 5.03
C GLU A 316 8.75 26.04 6.02
N GLY A 317 8.31 24.81 6.22
CA GLY A 317 8.99 23.85 7.12
C GLY A 317 8.24 23.32 8.34
N THR A 318 6.97 23.68 8.47
CA THR A 318 6.13 23.18 9.53
C THR A 318 5.84 21.69 9.33
N ARG A 319 5.92 20.90 10.41
CA ARG A 319 5.72 19.45 10.36
C ARG A 319 4.85 18.96 11.51
N MET A 320 4.21 17.82 11.30
CA MET A 320 3.49 17.12 12.37
C MET A 320 4.43 16.86 13.53
N ARG A 321 3.88 17.03 14.74
CA ARG A 321 4.54 16.59 15.96
C ARG A 321 4.52 15.06 15.99
N ALA A 322 5.34 14.48 16.87
CA ALA A 322 5.43 13.06 17.06
C ALA A 322 4.07 12.46 17.43
N PRO A 323 3.70 11.32 16.80
CA PRO A 323 2.45 10.67 17.15
C PRO A 323 2.59 9.89 18.47
N ASP A 324 1.47 9.49 19.04
CA ASP A 324 1.47 8.99 20.42
C ASP A 324 2.32 7.74 20.69
N TYR A 325 2.49 6.86 19.71
CA TYR A 325 3.17 5.58 19.97
C TYR A 325 4.55 5.44 19.29
N THR A 326 5.14 6.57 18.90
CA THR A 326 6.41 6.56 18.17
C THR A 326 7.60 6.30 19.09
N THR A 327 8.68 5.76 18.52
CA THR A 327 10.01 5.86 19.14
C THR A 327 10.65 7.13 18.56
N PRO A 328 11.69 7.68 19.25
CA PRO A 328 12.34 8.86 18.73
C PRO A 328 13.05 8.59 17.40
N GLU A 329 13.51 7.36 17.18
CA GLU A 329 14.15 7.00 15.93
C GLU A 329 13.13 6.99 14.80
N MET A 330 11.92 6.52 15.09
CA MET A 330 10.86 6.49 14.10
C MET A 330 10.38 7.90 13.73
N TYR A 331 10.31 8.80 14.72
CA TYR A 331 9.94 10.20 14.44
C TYR A 331 11.02 10.90 13.62
N GLN A 332 12.28 10.64 13.94
CA GLN A 332 13.40 11.18 13.18
C GLN A 332 13.30 10.73 11.72
N THR A 333 12.93 9.46 11.52
CA THR A 333 12.78 8.97 10.18
C THR A 333 11.65 9.69 9.42
N MET A 334 10.59 10.01 10.13
CA MET A 334 9.48 10.76 9.52
C MET A 334 9.98 12.12 9.07
N LEU A 335 10.69 12.82 9.95
CA LEU A 335 11.29 14.13 9.61
C LEU A 335 12.21 14.04 8.40
N ASP A 336 13.01 12.97 8.32
CA ASP A 336 13.90 12.74 7.17
C ASP A 336 13.11 12.57 5.84
N CYS A 337 12.04 11.79 5.90
CA CYS A 337 11.16 11.59 4.77
C CYS A 337 10.48 12.88 4.35
N TRP A 338 10.23 13.75 5.30
CA TRP A 338 9.62 15.03 5.03
C TRP A 338 10.63 16.15 4.74
N HIS A 339 11.84 15.81 4.30
CA HIS A 339 12.77 16.84 3.88
C HIS A 339 12.17 17.68 2.72
N GLY A 340 12.33 19.01 2.82
CA GLY A 340 11.84 19.94 1.83
C GLY A 340 12.45 19.77 0.46
N GLU A 341 13.71 19.30 0.43
CA GLU A 341 14.43 19.04 -0.82
C GLU A 341 14.25 17.56 -1.15
N PRO A 342 13.49 17.24 -2.23
CA PRO A 342 13.22 15.81 -2.46
C PRO A 342 14.48 14.94 -2.53
N SER A 343 15.57 15.51 -3.04
CA SER A 343 16.84 14.78 -3.17
C SER A 343 17.55 14.51 -1.85
N GLN A 344 17.17 15.21 -0.79
CA GLN A 344 17.75 14.97 0.52
C GLN A 344 16.92 14.02 1.39
N ARG A 345 15.76 13.60 0.90
CA ARG A 345 14.99 12.55 1.55
C ARG A 345 15.74 11.24 1.35
N PRO A 346 15.58 10.29 2.28
CA PRO A 346 16.17 8.98 1.99
C PRO A 346 15.52 8.35 0.77
N THR A 347 16.24 7.43 0.14
CA THR A 347 15.63 6.57 -0.85
C THR A 347 14.94 5.40 -0.15
N PHE A 348 14.12 4.67 -0.88
CA PHE A 348 13.49 3.47 -0.31
C PHE A 348 14.53 2.39 0.06
N SER A 349 15.56 2.22 -0.75
CA SER A 349 16.63 1.29 -0.38
C SER A 349 17.26 1.68 0.98
N GLU A 350 17.56 2.97 1.16
CA GLU A 350 18.09 3.48 2.46
C GLU A 350 17.13 3.27 3.65
N LEU A 351 15.83 3.51 3.42
CA LEU A 351 14.80 3.23 4.43
C LEU A 351 14.73 1.74 4.81
N VAL A 352 14.84 0.85 3.82
CA VAL A 352 14.85 -0.58 4.06
C VAL A 352 16.03 -0.96 4.96
N GLU A 353 17.22 -0.49 4.56
CA GLU A 353 18.39 -0.74 5.36
C GLU A 353 18.20 -0.20 6.77
N HIS A 354 17.80 1.07 6.90
CA HIS A 354 17.62 1.70 8.20
C HIS A 354 16.52 1.07 9.08
N LEU A 355 15.33 0.83 8.52
CA LEU A 355 14.26 0.18 9.26
C LEU A 355 14.65 -1.26 9.65
N GLY A 356 15.41 -1.93 8.79
CA GLY A 356 15.93 -3.24 9.08
C GLY A 356 16.81 -3.21 10.30
N ASN A 357 17.66 -2.19 10.41
CA ASN A 357 18.51 -2.00 11.60
C ASN A 357 17.69 -1.70 12.85
N LEU A 358 16.68 -0.83 12.74
CA LEU A 358 15.82 -0.50 13.89
C LEU A 358 15.05 -1.74 14.35
N LEU A 359 14.55 -2.51 13.39
CA LEU A 359 13.81 -3.73 13.65
C LEU A 359 14.71 -4.74 14.35
N GLN A 360 15.85 -5.01 13.72
CA GLN A 360 16.83 -5.97 14.26
C GLN A 360 17.30 -5.56 15.66
N ALA A 361 17.41 -4.25 15.89
CA ALA A 361 17.81 -3.69 17.19
C ALA A 361 16.70 -3.74 18.24
N ASN A 362 15.45 -3.71 17.81
CA ASN A 362 14.30 -3.56 18.70
C ASN A 362 14.11 -4.75 19.66
#